data_4WJ0
#
_entry.id   4WJ0
#
_cell.length_a   125.890
_cell.length_b   58.672
_cell.length_c   90.147
_cell.angle_alpha   90.00
_cell.angle_beta   90.00
_cell.angle_gamma   90.00
#
_symmetry.space_group_name_H-M   'P 21 21 21'
#
loop_
_entity.id
_entity.type
_entity.pdbx_description
1 polymer 'CRISPR-associated endonuclease Cas1'
2 non-polymer 'CHLORIDE ION'
3 water water
#
_entity_poly.entity_id   1
_entity_poly.type   'polypeptide(L)'
_entity_poly.pdbx_seq_one_letter_code
;MRKKPLTIFSDGTLTRRENTLYFESAKGRKPLAIEGIYDIYIYGHVNITSQALHYIAQKGILIHFFNHYGYYDGTFYPRE
TLLSGDLIIRQAEHYLNKEKRLFLAKSFVTGGTKNMERNLKNWGIKAKLSDYLDELNDARKITEIMNVEARIRQEYYAKW
DENLPEEFKIVKRTRRPPKNEMNALISFLNSRLYATIITEIYNTQLAPTISYLHEPSERRFSLSLDLSEIFKPIIADRVA
NRLVKKGSLKKEHFREDLNGVLLTEEGMKIVTKAYNEELQKSVKHPKIGSNVTRQRLIRLEAYKLIKHLVGVEEYKPLVA
WF
;
_entity_poly.pdbx_strand_id   A,B
#
loop_
_chem_comp.id
_chem_comp.type
_chem_comp.name
_chem_comp.formula
CL non-polymer 'CHLORIDE ION' 'Cl -1'
#
# COMPACT_ATOMS: atom_id res chain seq x y z
N LYS A 3 -1.37 -4.20 -22.34
CA LYS A 3 -1.96 -3.48 -21.22
C LYS A 3 -1.56 -2.01 -21.24
N LYS A 4 -2.57 -1.15 -21.40
CA LYS A 4 -2.36 0.25 -21.73
C LYS A 4 -3.02 1.17 -20.72
N PRO A 5 -2.53 2.42 -20.60
CA PRO A 5 -3.15 3.31 -19.62
C PRO A 5 -4.48 3.85 -20.10
N LEU A 6 -5.52 3.74 -19.28
CA LEU A 6 -6.83 4.27 -19.62
C LEU A 6 -6.94 5.72 -19.15
N THR A 7 -7.38 6.61 -20.04
CA THR A 7 -7.56 8.01 -19.67
C THR A 7 -8.96 8.51 -20.04
N ILE A 8 -9.61 9.15 -19.07
CA ILE A 8 -11.01 9.56 -19.22
C ILE A 8 -11.22 11.05 -19.02
N PHE A 9 -11.48 11.77 -20.11
CA PHE A 9 -11.75 13.19 -20.06
C PHE A 9 -13.24 13.49 -19.93
N SER A 10 -14.07 12.59 -20.45
CA SER A 10 -15.52 12.76 -20.44
C SER A 10 -16.11 12.56 -19.06
N ASP A 11 -17.33 13.04 -18.87
CA ASP A 11 -18.06 12.82 -17.63
C ASP A 11 -18.95 11.60 -17.77
N GLY A 12 -19.10 10.86 -16.67
CA GLY A 12 -19.91 9.66 -16.67
C GLY A 12 -19.73 8.86 -15.40
N THR A 13 -20.01 7.57 -15.45
CA THR A 13 -19.95 6.71 -14.29
C THR A 13 -19.38 5.36 -14.65
N LEU A 14 -18.33 4.95 -13.93
CA LEU A 14 -17.77 3.61 -14.09
C LEU A 14 -18.61 2.64 -13.29
N THR A 15 -19.04 1.55 -13.93
CA THR A 15 -19.91 0.58 -13.29
C THR A 15 -19.48 -0.84 -13.59
N ARG A 16 -20.01 -1.78 -12.83
CA ARG A 16 -19.83 -3.18 -13.09
C ARG A 16 -21.16 -3.84 -13.41
N ARG A 17 -21.35 -4.17 -14.68
CA ARG A 17 -22.49 -4.97 -15.10
C ARG A 17 -22.03 -6.41 -15.21
N GLU A 18 -21.71 -7.01 -14.06
CA GLU A 18 -21.23 -8.39 -14.03
C GLU A 18 -19.74 -8.39 -14.42
N ASN A 19 -19.31 -9.39 -15.17
CA ASN A 19 -17.87 -9.57 -15.42
C ASN A 19 -17.26 -8.53 -16.35
N THR A 20 -18.09 -7.63 -16.90
CA THR A 20 -17.56 -6.49 -17.66
C THR A 20 -17.69 -5.18 -16.88
N LEU A 21 -16.74 -4.29 -17.15
CA LEU A 21 -16.67 -2.97 -16.56
C LEU A 21 -17.17 -1.98 -17.60
N TYR A 22 -18.05 -1.07 -17.21
CA TYR A 22 -18.70 -0.18 -18.16
C TYR A 22 -18.46 1.28 -17.81
N PHE A 23 -18.51 2.15 -18.83
CA PHE A 23 -18.52 3.58 -18.61
C PHE A 23 -19.81 4.19 -19.15
N GLU A 24 -20.66 4.63 -18.25
CA GLU A 24 -21.92 5.17 -18.65
C GLU A 24 -21.92 6.68 -18.66
N SER A 25 -22.38 7.27 -19.75
CA SER A 25 -22.39 8.71 -19.93
C SER A 25 -23.68 9.04 -20.62
N ALA A 26 -23.71 10.18 -21.30
CA ALA A 26 -24.62 10.31 -22.42
C ALA A 26 -23.97 9.46 -23.50
N LYS A 27 -24.80 8.81 -24.31
CA LYS A 27 -24.40 7.74 -25.23
C LYS A 27 -24.24 6.41 -24.45
N GLY A 28 -23.96 6.52 -23.16
CA GLY A 28 -24.29 5.45 -22.22
C GLY A 28 -23.31 4.29 -22.12
N ARG A 29 -23.88 3.14 -21.73
CA ARG A 29 -23.10 1.94 -21.48
C ARG A 29 -22.16 1.56 -22.62
N LYS A 30 -20.87 1.74 -22.37
CA LYS A 30 -19.81 1.23 -23.24
C LYS A 30 -18.95 0.31 -22.39
N PRO A 31 -18.73 -0.93 -22.87
CA PRO A 31 -17.90 -1.84 -22.06
C PRO A 31 -16.43 -1.51 -22.14
N LEU A 32 -15.69 -1.99 -21.14
CA LEU A 32 -14.27 -1.75 -21.03
C LEU A 32 -13.62 -3.11 -20.89
N ALA A 33 -12.60 -3.37 -21.69
CA ALA A 33 -11.83 -4.60 -21.58
C ALA A 33 -10.81 -4.39 -20.48
N ILE A 34 -11.04 -4.99 -19.32
CA ILE A 34 -10.22 -4.70 -18.16
C ILE A 34 -9.00 -5.60 -18.14
N GLU A 35 -9.02 -6.61 -18.99
CA GLU A 35 -7.87 -7.48 -19.17
C GLU A 35 -6.72 -6.61 -19.70
N GLY A 36 -7.08 -5.70 -20.61
CA GLY A 36 -6.12 -4.82 -21.25
C GLY A 36 -5.84 -3.49 -20.55
N ILE A 37 -6.37 -3.33 -19.34
CA ILE A 37 -6.20 -2.07 -18.61
C ILE A 37 -5.12 -2.23 -17.55
N TYR A 38 -4.28 -1.20 -17.43
CA TYR A 38 -3.08 -1.27 -16.61
C TYR A 38 -3.14 -0.27 -15.45
N ASP A 39 -3.31 1.01 -15.77
CA ASP A 39 -3.65 2.04 -14.80
C ASP A 39 -4.72 2.96 -15.41
N ILE A 40 -5.50 3.61 -14.57
CA ILE A 40 -6.55 4.51 -15.05
C ILE A 40 -6.28 5.96 -14.63
N TYR A 41 -6.67 6.89 -15.50
CA TYR A 41 -6.46 8.33 -15.29
C TYR A 41 -7.75 9.12 -15.48
N ILE A 42 -8.15 9.85 -14.44
CA ILE A 42 -9.43 10.55 -14.43
C ILE A 42 -9.25 12.07 -14.47
N TYR A 43 -9.51 12.68 -15.63
CA TYR A 43 -9.58 14.14 -15.74
C TYR A 43 -11.01 14.67 -15.79
N GLY A 44 -11.95 13.83 -16.20
CA GLY A 44 -13.34 14.21 -16.26
C GLY A 44 -13.98 14.16 -14.88
N HIS A 45 -15.24 14.57 -14.80
CA HIS A 45 -16.02 14.34 -13.61
C HIS A 45 -16.64 12.96 -13.71
N VAL A 46 -16.05 12.01 -12.99
CA VAL A 46 -16.44 10.60 -13.10
C VAL A 46 -16.84 10.05 -11.75
N ASN A 47 -17.95 9.34 -11.73
CA ASN A 47 -18.42 8.66 -10.54
C ASN A 47 -18.03 7.19 -10.63
N ILE A 48 -17.70 6.59 -9.48
CA ILE A 48 -17.29 5.21 -9.43
C ILE A 48 -18.12 4.46 -8.40
N THR A 49 -18.74 3.37 -8.84
CA THR A 49 -19.56 2.55 -7.96
C THR A 49 -18.65 1.67 -7.12
N SER A 50 -19.16 1.22 -5.98
CA SER A 50 -18.40 0.33 -5.10
C SER A 50 -18.06 -0.96 -5.81
N GLN A 51 -18.98 -1.42 -6.67
CA GLN A 51 -18.78 -2.65 -7.43
C GLN A 51 -17.65 -2.48 -8.41
N ALA A 52 -17.64 -1.34 -9.08
CA ALA A 52 -16.55 -1.04 -9.98
C ALA A 52 -15.26 -1.02 -9.21
N LEU A 53 -15.21 -0.22 -8.15
CA LEU A 53 -13.97 -0.01 -7.40
C LEU A 53 -13.47 -1.33 -6.82
N HIS A 54 -14.40 -2.20 -6.42
CA HIS A 54 -14.04 -3.54 -5.98
C HIS A 54 -13.44 -4.33 -7.13
N TYR A 55 -14.06 -4.22 -8.30
CA TYR A 55 -13.59 -4.90 -9.50
C TYR A 55 -12.19 -4.42 -9.91
N ILE A 56 -11.99 -3.11 -9.96
CA ILE A 56 -10.68 -2.54 -10.29
C ILE A 56 -9.65 -2.94 -9.24
N ALA A 57 -10.05 -2.91 -7.97
CA ALA A 57 -9.17 -3.30 -6.88
C ALA A 57 -8.75 -4.78 -6.99
N GLN A 58 -9.72 -5.64 -7.31
CA GLN A 58 -9.47 -7.07 -7.47
C GLN A 58 -8.41 -7.36 -8.53
N LYS A 59 -8.38 -6.53 -9.57
CA LYS A 59 -7.45 -6.70 -10.68
C LYS A 59 -6.13 -5.97 -10.46
N GLY A 60 -5.96 -5.37 -9.28
CA GLY A 60 -4.72 -4.68 -8.94
C GLY A 60 -4.45 -3.47 -9.80
N ILE A 61 -5.51 -2.85 -10.30
CA ILE A 61 -5.40 -1.68 -11.15
C ILE A 61 -5.41 -0.41 -10.29
N LEU A 62 -4.49 0.50 -10.58
CA LEU A 62 -4.40 1.78 -9.89
C LEU A 62 -5.29 2.83 -10.56
N ILE A 63 -5.91 3.69 -9.76
CA ILE A 63 -6.69 4.79 -10.35
C ILE A 63 -6.07 6.14 -9.98
N HIS A 64 -5.80 6.96 -11.00
CA HIS A 64 -5.20 8.27 -10.75
C HIS A 64 -6.19 9.40 -11.04
N PHE A 65 -6.25 10.34 -10.10
CA PHE A 65 -7.24 11.41 -10.09
C PHE A 65 -6.53 12.75 -10.27
N PHE A 66 -7.18 13.67 -10.99
CA PHE A 66 -6.55 14.93 -11.37
C PHE A 66 -7.43 16.18 -11.22
N ASN A 67 -6.75 17.29 -10.96
CA ASN A 67 -7.37 18.62 -10.94
C ASN A 67 -8.16 18.98 -12.16
N HIS A 68 -8.95 20.02 -12.00
CA HIS A 68 -9.81 20.52 -13.04
C HIS A 68 -8.97 21.09 -14.18
N TYR A 69 -7.74 21.51 -13.87
CA TYR A 69 -6.77 21.90 -14.89
C TYR A 69 -5.68 20.82 -15.07
N GLY A 70 -5.96 19.61 -14.57
CA GLY A 70 -5.14 18.45 -14.86
C GLY A 70 -3.91 18.25 -13.99
N TYR A 71 -3.87 18.94 -12.86
CA TYR A 71 -2.81 18.74 -11.87
C TYR A 71 -3.10 17.44 -11.09
N TYR A 72 -2.06 16.77 -10.60
CA TYR A 72 -2.24 15.51 -9.88
C TYR A 72 -3.02 15.73 -8.59
N ASP A 73 -4.11 14.99 -8.40
CA ASP A 73 -4.93 15.13 -7.20
C ASP A 73 -4.67 14.04 -6.17
N GLY A 74 -4.57 12.79 -6.62
CA GLY A 74 -4.42 11.67 -5.73
C GLY A 74 -4.58 10.36 -6.46
N THR A 75 -4.37 9.25 -5.74
CA THR A 75 -4.44 7.93 -6.34
C THR A 75 -5.20 6.92 -5.48
N PHE A 76 -5.97 6.06 -6.15
CA PHE A 76 -6.50 4.85 -5.52
C PHE A 76 -5.52 3.72 -5.72
N TYR A 77 -5.00 3.26 -4.58
CA TYR A 77 -3.98 2.22 -4.48
C TYR A 77 -4.60 0.92 -3.95
N PRO A 78 -4.75 -0.10 -4.80
CA PRO A 78 -5.34 -1.36 -4.34
C PRO A 78 -4.35 -2.18 -3.51
N ARG A 79 -4.85 -3.14 -2.74
CA ARG A 79 -3.97 -3.97 -1.91
C ARG A 79 -2.88 -4.64 -2.74
N GLU A 80 -1.67 -4.59 -2.19
CA GLU A 80 -0.45 -5.05 -2.83
C GLU A 80 -0.41 -6.55 -3.13
N THR A 81 -0.01 -6.87 -4.35
CA THR A 81 0.05 -8.25 -4.81
C THR A 81 1.47 -8.80 -4.66
N LEU A 82 2.47 -7.99 -5.01
CA LEU A 82 3.88 -8.39 -4.94
C LEU A 82 4.57 -8.09 -3.61
N LEU A 83 3.83 -8.20 -2.51
CA LEU A 83 4.37 -7.91 -1.19
C LEU A 83 5.54 -8.83 -0.83
N SER A 84 6.60 -8.24 -0.25
CA SER A 84 7.77 -9.01 0.21
C SER A 84 8.33 -8.43 1.50
N GLY A 85 8.26 -9.23 2.57
CA GLY A 85 8.67 -8.80 3.88
C GLY A 85 10.13 -8.47 4.13
N ASP A 86 11.03 -9.05 3.34
CA ASP A 86 12.46 -8.85 3.59
C ASP A 86 13.00 -7.63 2.85
N LEU A 87 12.58 -7.48 1.60
CA LEU A 87 12.99 -6.33 0.81
C LEU A 87 12.62 -5.04 1.52
N ILE A 88 11.41 -5.02 2.10
CA ILE A 88 10.94 -3.87 2.86
C ILE A 88 11.92 -3.54 3.98
N ILE A 89 12.40 -4.58 4.65
CA ILE A 89 13.31 -4.42 5.78
C ILE A 89 14.65 -3.89 5.30
N ARG A 90 15.08 -4.32 4.12
CA ARG A 90 16.32 -3.78 3.56
C ARG A 90 16.12 -2.30 3.16
N GLN A 91 14.98 -2.00 2.56
CA GLN A 91 14.62 -0.61 2.25
C GLN A 91 14.74 0.26 3.48
N ALA A 92 14.11 -0.18 4.56
CA ALA A 92 14.11 0.58 5.80
C ALA A 92 15.50 0.61 6.42
N GLU A 93 16.26 -0.46 6.23
CA GLU A 93 17.62 -0.49 6.76
C GLU A 93 18.50 0.56 6.08
N HIS A 94 18.31 0.78 4.77
CA HIS A 94 19.08 1.81 4.08
C HIS A 94 18.64 3.23 4.39
N TYR A 95 17.45 3.40 4.97
CA TYR A 95 17.05 4.70 5.50
C TYR A 95 17.62 4.93 6.90
N LEU A 96 17.44 3.93 7.76
CA LEU A 96 17.86 4.04 9.16
C LEU A 96 19.36 4.27 9.29
N ASN A 97 20.15 3.65 8.43
CA ASN A 97 21.58 3.90 8.36
C ASN A 97 21.83 5.19 7.58
N LYS A 98 22.45 6.16 8.23
CA LYS A 98 22.56 7.51 7.66
C LYS A 98 23.45 7.58 6.42
N GLU A 99 24.60 6.91 6.47
CA GLU A 99 25.54 6.92 5.35
C GLU A 99 24.90 6.26 4.12
N LYS A 100 24.20 5.16 4.36
CA LYS A 100 23.49 4.45 3.30
C LYS A 100 22.43 5.35 2.68
N ARG A 101 21.68 6.05 3.52
CA ARG A 101 20.66 6.97 3.03
C ARG A 101 21.30 8.09 2.22
N LEU A 102 22.39 8.65 2.74
CA LEU A 102 23.09 9.73 2.07
C LEU A 102 23.54 9.35 0.68
N PHE A 103 24.09 8.14 0.54
CA PHE A 103 24.52 7.70 -0.78
C PHE A 103 23.36 7.74 -1.81
N LEU A 104 22.24 7.12 -1.48
CA LEU A 104 21.09 7.06 -2.38
C LEU A 104 20.52 8.45 -2.66
N ALA A 105 20.30 9.20 -1.57
CA ALA A 105 19.81 10.57 -1.67
C ALA A 105 20.69 11.37 -2.63
N LYS A 106 22.00 11.19 -2.53
CA LYS A 106 22.93 11.86 -3.44
C LYS A 106 22.82 11.33 -4.86
N SER A 107 22.64 10.03 -5.00
CA SER A 107 22.51 9.40 -6.30
C SER A 107 21.34 9.99 -7.10
N PHE A 108 20.19 10.14 -6.45
CA PHE A 108 19.01 10.68 -7.14
C PHE A 108 19.25 12.09 -7.71
N VAL A 109 19.90 12.93 -6.92
CA VAL A 109 20.14 14.31 -7.32
C VAL A 109 21.20 14.37 -8.41
N THR A 110 22.24 13.55 -8.26
CA THR A 110 23.26 13.41 -9.29
C THR A 110 22.60 13.05 -10.63
N GLY A 111 21.80 12.00 -10.61
CA GLY A 111 21.08 11.56 -11.80
C GLY A 111 20.26 12.67 -12.42
N GLY A 112 19.45 13.33 -11.61
CA GLY A 112 18.63 14.43 -12.11
C GLY A 112 19.47 15.52 -12.76
N THR A 113 20.53 15.94 -12.07
CA THR A 113 21.40 17.01 -12.57
C THR A 113 22.04 16.63 -13.92
N LYS A 114 22.51 15.39 -14.02
CA LYS A 114 23.15 14.96 -15.26
C LYS A 114 22.16 14.84 -16.42
N ASN A 115 21.01 14.24 -16.18
CA ASN A 115 20.00 14.15 -17.24
C ASN A 115 19.56 15.54 -17.69
N MET A 116 19.45 16.45 -16.73
CA MET A 116 19.11 17.84 -17.03
C MET A 116 20.15 18.51 -17.94
N GLU A 117 21.42 18.39 -17.57
CA GLU A 117 22.43 19.01 -18.42
C GLU A 117 22.52 18.28 -19.77
N ARG A 118 22.23 16.98 -19.82
CA ARG A 118 22.13 16.32 -21.13
C ARG A 118 21.00 16.92 -21.95
N ASN A 119 19.87 17.23 -21.32
CA ASN A 119 18.82 17.97 -22.01
C ASN A 119 19.35 19.27 -22.57
N LEU A 120 20.03 20.06 -21.74
CA LEU A 120 20.57 21.34 -22.20
C LEU A 120 21.63 21.17 -23.30
N LYS A 121 22.49 20.17 -23.15
CA LYS A 121 23.50 19.85 -24.14
C LYS A 121 22.87 19.46 -25.47
N ASN A 122 21.79 18.68 -25.41
CA ASN A 122 21.09 18.23 -26.61
C ASN A 122 20.38 19.38 -27.32
N TRP A 123 19.90 20.36 -26.56
CA TRP A 123 19.23 21.51 -27.13
C TRP A 123 20.22 22.64 -27.45
N GLY A 124 21.50 22.33 -27.31
CA GLY A 124 22.56 23.27 -27.65
C GLY A 124 22.61 24.50 -26.75
N ILE A 125 22.40 24.29 -25.45
CA ILE A 125 22.54 25.35 -24.46
C ILE A 125 23.73 25.04 -23.55
N LYS A 126 24.71 25.93 -23.53
CA LYS A 126 25.87 25.77 -22.67
C LYS A 126 25.46 25.95 -21.21
N ALA A 127 25.71 24.92 -20.41
CA ALA A 127 25.19 24.86 -19.05
C ALA A 127 26.28 24.68 -18.01
N LYS A 128 26.85 23.48 -17.96
CA LYS A 128 27.71 23.06 -16.85
C LYS A 128 26.98 23.20 -15.52
N LEU A 129 25.90 22.45 -15.39
CA LEU A 129 25.22 22.29 -14.11
C LEU A 129 26.08 21.43 -13.20
N SER A 130 26.94 20.64 -13.84
CA SER A 130 27.89 19.78 -13.13
C SER A 130 28.67 20.53 -12.05
N ASP A 131 28.90 21.81 -12.28
CA ASP A 131 29.54 22.70 -11.32
C ASP A 131 28.98 22.53 -9.92
N TYR A 132 27.66 22.32 -9.83
CA TYR A 132 26.97 22.20 -8.56
C TYR A 132 27.17 20.86 -7.85
N LEU A 133 27.65 19.84 -8.55
CA LEU A 133 27.72 18.49 -7.96
C LEU A 133 28.68 18.42 -6.77
N ASP A 134 29.68 19.29 -6.78
CA ASP A 134 30.65 19.35 -5.70
C ASP A 134 29.96 19.73 -4.40
N GLU A 135 29.04 20.69 -4.46
CA GLU A 135 28.19 20.99 -3.31
C GLU A 135 27.52 19.73 -2.81
N LEU A 136 26.82 19.06 -3.73
CA LEU A 136 25.99 17.91 -3.42
C LEU A 136 26.73 16.80 -2.70
N ASN A 137 27.82 16.34 -3.30
CA ASN A 137 28.43 15.09 -2.87
C ASN A 137 29.26 15.19 -1.58
N ASP A 138 29.62 16.40 -1.18
CA ASP A 138 30.39 16.58 0.06
C ASP A 138 29.46 16.95 1.22
N ALA A 139 28.17 17.14 0.92
CA ALA A 139 27.18 17.54 1.92
C ALA A 139 26.83 16.40 2.89
N ARG A 140 26.55 16.76 4.13
CA ARG A 140 26.31 15.78 5.19
C ARG A 140 24.85 15.72 5.69
N LYS A 141 24.02 16.68 5.29
CA LYS A 141 22.61 16.69 5.69
C LYS A 141 21.69 16.68 4.48
N ILE A 142 20.52 16.05 4.63
CA ILE A 142 19.61 15.85 3.50
C ILE A 142 18.96 17.16 3.04
N THR A 143 18.64 18.02 4.01
CA THR A 143 18.02 19.31 3.70
C THR A 143 18.85 20.15 2.76
N GLU A 144 20.14 20.25 3.04
CA GLU A 144 21.00 21.08 2.23
C GLU A 144 21.15 20.42 0.84
N ILE A 145 21.15 19.09 0.80
CA ILE A 145 21.18 18.38 -0.48
C ILE A 145 19.96 18.77 -1.32
N MET A 146 18.78 18.69 -0.72
CA MET A 146 17.55 19.02 -1.42
C MET A 146 17.55 20.50 -1.83
N ASN A 147 18.04 21.34 -0.93
CA ASN A 147 18.15 22.78 -1.23
C ASN A 147 19.05 23.05 -2.44
N VAL A 148 20.14 22.30 -2.56
CA VAL A 148 20.98 22.42 -3.76
C VAL A 148 20.22 21.94 -4.99
N GLU A 149 19.57 20.78 -4.89
CA GLU A 149 18.77 20.28 -6.01
C GLU A 149 17.75 21.30 -6.49
N ALA A 150 17.18 22.04 -5.54
CA ALA A 150 16.24 23.10 -5.90
C ALA A 150 16.87 24.19 -6.77
N ARG A 151 18.04 24.70 -6.36
CA ARG A 151 18.74 25.70 -7.15
C ARG A 151 19.09 25.15 -8.53
N ILE A 152 19.58 23.92 -8.58
CA ILE A 152 19.93 23.30 -9.86
C ILE A 152 18.72 23.28 -10.80
N ARG A 153 17.58 22.83 -10.29
CA ARG A 153 16.33 22.83 -11.08
C ARG A 153 15.97 24.26 -11.52
N GLN A 154 16.08 25.19 -10.56
CA GLN A 154 15.75 26.59 -10.78
C GLN A 154 16.58 27.19 -11.90
N GLU A 155 17.88 26.87 -11.94
CA GLU A 155 18.76 27.39 -12.97
C GLU A 155 18.49 26.70 -14.30
N TYR A 156 18.27 25.39 -14.26
CA TYR A 156 17.96 24.62 -15.46
C TYR A 156 16.77 25.18 -16.22
N TYR A 157 15.68 25.46 -15.52
CA TYR A 157 14.57 26.17 -16.16
C TYR A 157 15.02 27.48 -16.83
N ALA A 158 15.77 28.28 -16.08
CA ALA A 158 16.20 29.59 -16.54
C ALA A 158 17.17 29.49 -17.71
N LYS A 159 17.85 28.34 -17.83
CA LYS A 159 18.70 28.08 -18.98
C LYS A 159 17.88 27.55 -20.14
N TRP A 160 16.80 26.84 -19.80
CA TRP A 160 15.86 26.34 -20.80
C TRP A 160 15.12 27.48 -21.50
N ASP A 161 14.86 28.56 -20.75
CA ASP A 161 14.17 29.72 -21.33
C ASP A 161 14.89 30.36 -22.51
N GLU A 162 16.22 30.21 -22.56
CA GLU A 162 16.99 30.74 -23.69
C GLU A 162 16.59 30.11 -25.02
N ASN A 163 16.11 28.87 -24.95
CA ASN A 163 15.73 28.11 -26.14
C ASN A 163 14.23 28.16 -26.43
N LEU A 164 13.51 29.00 -25.68
CA LEU A 164 12.06 29.06 -25.78
C LEU A 164 11.58 30.43 -26.24
N PRO A 165 10.46 30.46 -26.99
CA PRO A 165 9.85 31.74 -27.37
C PRO A 165 9.16 32.38 -26.17
N GLU A 166 9.01 33.70 -26.20
CA GLU A 166 8.51 34.45 -25.05
C GLU A 166 7.17 33.91 -24.54
N GLU A 167 6.34 33.44 -25.46
CA GLU A 167 5.02 32.91 -25.10
C GLU A 167 5.14 31.72 -24.16
N PHE A 168 6.05 30.81 -24.46
CA PHE A 168 6.22 29.58 -23.71
C PHE A 168 7.41 29.60 -22.76
N LYS A 169 7.93 30.80 -22.46
CA LYS A 169 9.00 30.91 -21.49
C LYS A 169 8.52 30.67 -20.06
N ILE A 170 9.30 29.88 -19.33
CA ILE A 170 9.20 29.86 -17.88
C ILE A 170 9.84 31.16 -17.40
N VAL A 171 9.39 31.69 -16.27
CA VAL A 171 10.12 32.76 -15.59
C VAL A 171 10.36 32.36 -14.13
N LYS A 172 9.28 32.17 -13.38
CA LYS A 172 9.34 31.41 -12.13
C LYS A 172 8.60 30.10 -12.38
N ARG A 173 9.06 29.02 -11.77
CA ARG A 173 8.25 27.83 -11.73
C ARG A 173 7.09 28.13 -10.80
N THR A 174 5.89 28.15 -11.34
CA THR A 174 4.69 28.35 -10.55
C THR A 174 3.79 27.16 -10.77
N ARG A 175 3.51 26.43 -9.69
CA ARG A 175 2.99 25.07 -9.78
C ARG A 175 1.49 24.86 -9.62
N ARG A 176 0.96 24.85 -8.40
CA ARG A 176 -0.50 24.93 -8.22
C ARG A 176 -0.79 26.30 -7.63
N PRO A 177 -1.35 27.22 -8.42
CA PRO A 177 -1.60 26.98 -9.85
C PRO A 177 -0.63 27.70 -10.73
N PRO A 178 -0.64 27.29 -12.07
CA PRO A 178 0.31 28.02 -12.91
C PRO A 178 0.06 29.50 -13.18
N LYS A 179 1.04 30.17 -13.79
CA LYS A 179 0.89 31.55 -14.21
C LYS A 179 1.24 31.69 -15.69
N ASN A 180 1.44 30.54 -16.34
CA ASN A 180 2.03 30.50 -17.68
C ASN A 180 1.50 29.32 -18.47
N GLU A 181 1.59 29.42 -19.79
CA GLU A 181 1.24 28.30 -20.66
C GLU A 181 2.25 27.18 -20.44
N MET A 182 3.51 27.56 -20.26
CA MET A 182 4.58 26.60 -20.07
C MET A 182 4.52 25.96 -18.67
N ASN A 183 4.26 26.77 -17.65
CA ASN A 183 4.07 26.23 -16.30
C ASN A 183 2.88 25.27 -16.27
N ALA A 184 1.83 25.62 -16.98
CA ALA A 184 0.66 24.76 -17.11
C ALA A 184 1.06 23.43 -17.76
N LEU A 185 1.82 23.53 -18.85
CA LEU A 185 2.28 22.33 -19.56
C LEU A 185 3.13 21.44 -18.65
N ILE A 186 4.14 22.02 -18.02
CA ILE A 186 5.05 21.24 -17.17
C ILE A 186 4.34 20.65 -15.97
N SER A 187 3.43 21.42 -15.37
CA SER A 187 2.64 20.90 -14.25
C SER A 187 1.84 19.69 -14.68
N PHE A 188 1.17 19.81 -15.82
CA PHE A 188 0.37 18.71 -16.34
C PHE A 188 1.24 17.46 -16.56
N LEU A 189 2.36 17.64 -17.26
CA LEU A 189 3.25 16.52 -17.57
C LEU A 189 3.86 15.87 -16.31
N ASN A 190 4.27 16.70 -15.36
CA ASN A 190 4.80 16.19 -14.10
C ASN A 190 3.75 15.38 -13.36
N SER A 191 2.51 15.87 -13.42
CA SER A 191 1.40 15.17 -12.79
C SER A 191 1.19 13.80 -13.44
N ARG A 192 1.26 13.71 -14.77
CA ARG A 192 1.26 12.38 -15.42
C ARG A 192 2.40 11.48 -14.93
N LEU A 193 3.61 12.01 -14.96
CA LEU A 193 4.80 11.24 -14.63
C LEU A 193 4.78 10.66 -13.20
N TYR A 194 4.32 11.46 -12.24
CA TYR A 194 4.22 10.99 -10.86
C TYR A 194 3.39 9.70 -10.76
N ALA A 195 2.22 9.72 -11.38
CA ALA A 195 1.32 8.58 -11.37
C ALA A 195 1.94 7.40 -12.08
N THR A 196 2.58 7.67 -13.22
CA THR A 196 3.25 6.60 -13.95
C THR A 196 4.27 5.88 -13.07
N ILE A 197 5.11 6.65 -12.37
CA ILE A 197 6.13 6.04 -11.52
C ILE A 197 5.51 5.28 -10.35
N ILE A 198 4.44 5.81 -9.79
CA ILE A 198 3.72 5.06 -8.73
C ILE A 198 3.21 3.72 -9.27
N THR A 199 2.66 3.74 -10.48
CA THR A 199 2.17 2.52 -11.10
C THR A 199 3.31 1.52 -11.27
N GLU A 200 4.43 1.97 -11.84
CA GLU A 200 5.54 1.05 -12.05
C GLU A 200 6.11 0.53 -10.72
N ILE A 201 6.10 1.34 -9.67
CA ILE A 201 6.54 0.86 -8.35
C ILE A 201 5.60 -0.22 -7.80
N TYR A 202 4.29 -0.04 -7.97
CA TYR A 202 3.34 -1.06 -7.52
C TYR A 202 3.60 -2.43 -8.19
N ASN A 203 4.28 -2.42 -9.33
CA ASN A 203 4.65 -3.65 -10.02
C ASN A 203 5.95 -4.29 -9.53
N THR A 204 6.51 -3.75 -8.45
CA THR A 204 7.66 -4.35 -7.78
C THR A 204 7.31 -4.70 -6.34
N GLN A 205 8.31 -5.18 -5.59
CA GLN A 205 8.10 -5.53 -4.18
C GLN A 205 8.51 -4.39 -3.27
N LEU A 206 9.00 -3.30 -3.85
CA LEU A 206 9.36 -2.11 -3.10
C LEU A 206 8.14 -1.49 -2.44
N ALA A 207 8.28 -1.10 -1.17
CA ALA A 207 7.28 -0.29 -0.52
C ALA A 207 7.41 1.14 -1.01
N PRO A 208 6.31 1.73 -1.53
CA PRO A 208 6.41 3.05 -2.17
C PRO A 208 6.61 4.23 -1.21
N THR A 209 6.37 4.02 0.08
CA THR A 209 6.48 5.09 1.05
C THR A 209 7.92 5.39 1.48
N ILE A 210 8.79 4.39 1.40
CA ILE A 210 10.17 4.54 1.88
C ILE A 210 11.04 5.20 0.82
N SER A 211 11.49 6.42 1.12
CA SER A 211 12.40 7.15 0.25
C SER A 211 13.68 7.52 0.99
N TYR A 212 14.61 8.14 0.27
CA TYR A 212 15.92 8.49 0.81
C TYR A 212 16.18 9.99 0.68
N LEU A 213 16.03 10.51 -0.53
CA LEU A 213 16.14 11.95 -0.74
C LEU A 213 15.01 12.66 0.00
N HIS A 214 13.77 12.30 -0.30
CA HIS A 214 12.61 12.85 0.38
C HIS A 214 12.33 12.09 1.67
N GLU A 215 11.63 12.75 2.59
CA GLU A 215 11.28 12.10 3.85
C GLU A 215 10.17 11.07 3.65
N PRO A 216 10.37 9.85 4.19
CA PRO A 216 9.31 8.84 4.18
C PRO A 216 8.06 9.32 4.92
N SER A 217 6.90 9.13 4.30
CA SER A 217 5.65 9.30 5.01
C SER A 217 4.71 8.18 4.63
N GLU A 218 3.90 7.76 5.59
CA GLU A 218 2.99 6.64 5.42
C GLU A 218 1.78 7.12 4.65
N ARG A 219 1.74 8.44 4.43
CA ARG A 219 0.66 9.11 3.72
C ARG A 219 1.06 9.58 2.31
N ARG A 220 2.26 9.18 1.87
CA ARG A 220 2.85 9.72 0.65
C ARG A 220 3.82 8.78 -0.04
N PHE A 221 3.56 8.52 -1.32
CA PHE A 221 4.48 7.79 -2.19
C PHE A 221 5.78 8.55 -2.44
N SER A 222 6.61 8.68 -1.42
CA SER A 222 7.81 9.51 -1.50
C SER A 222 8.89 8.96 -2.43
N LEU A 223 8.91 7.64 -2.60
CA LEU A 223 9.92 7.01 -3.43
C LEU A 223 9.73 7.44 -4.89
N SER A 224 8.48 7.61 -5.29
CA SER A 224 8.17 8.09 -6.63
C SER A 224 8.75 9.49 -6.81
N LEU A 225 8.70 10.30 -5.75
CA LEU A 225 9.31 11.63 -5.77
C LEU A 225 10.82 11.48 -5.94
N ASP A 226 11.40 10.50 -5.26
CA ASP A 226 12.83 10.23 -5.46
C ASP A 226 13.15 9.92 -6.92
N LEU A 227 12.41 9.01 -7.55
CA LEU A 227 12.68 8.65 -8.96
C LEU A 227 12.30 9.73 -10.00
N SER A 228 11.35 10.59 -9.63
CA SER A 228 10.94 11.66 -10.53
C SER A 228 12.07 12.66 -10.77
N GLU A 229 13.05 12.68 -9.86
CA GLU A 229 14.23 13.52 -10.03
C GLU A 229 14.94 13.16 -11.33
N ILE A 230 15.06 11.86 -11.57
CA ILE A 230 15.69 11.34 -12.76
C ILE A 230 14.76 11.48 -13.95
N PHE A 231 13.53 11.02 -13.81
CA PHE A 231 12.68 10.93 -15.01
C PHE A 231 11.94 12.20 -15.45
N LYS A 232 11.89 13.24 -14.62
CA LYS A 232 11.39 14.52 -15.12
C LYS A 232 12.18 15.01 -16.34
N PRO A 233 13.52 15.09 -16.20
CA PRO A 233 14.39 15.44 -17.34
C PRO A 233 14.23 14.55 -18.57
N ILE A 234 14.19 13.24 -18.37
CA ILE A 234 14.19 12.29 -19.48
C ILE A 234 12.91 12.32 -20.29
N ILE A 235 11.77 12.41 -19.60
CA ILE A 235 10.48 12.25 -20.26
C ILE A 235 9.72 13.59 -20.35
N ALA A 236 9.30 14.11 -19.20
CA ALA A 236 8.39 15.24 -19.16
C ALA A 236 8.91 16.47 -19.89
N ASP A 237 10.14 16.86 -19.56
CA ASP A 237 10.74 18.06 -20.12
C ASP A 237 10.89 17.93 -21.63
N ARG A 238 11.33 16.75 -22.08
CA ARG A 238 11.49 16.49 -23.51
C ARG A 238 10.16 16.61 -24.22
N VAL A 239 9.11 15.99 -23.65
CA VAL A 239 7.78 16.06 -24.23
C VAL A 239 7.34 17.51 -24.37
N ALA A 240 7.50 18.28 -23.29
CA ALA A 240 7.13 19.69 -23.31
C ALA A 240 7.88 20.44 -24.42
N ASN A 241 9.19 20.24 -24.46
CA ASN A 241 10.03 20.92 -25.42
C ASN A 241 9.62 20.62 -26.86
N ARG A 242 9.42 19.34 -27.17
CA ARG A 242 9.08 18.95 -28.53
C ARG A 242 7.70 19.49 -28.89
N LEU A 243 6.75 19.42 -27.95
CA LEU A 243 5.41 19.96 -28.19
C LEU A 243 5.44 21.44 -28.51
N VAL A 244 6.19 22.20 -27.72
CA VAL A 244 6.24 23.64 -27.94
C VAL A 244 7.03 24.02 -29.18
N LYS A 245 8.13 23.32 -29.42
CA LYS A 245 9.02 23.69 -30.52
C LYS A 245 8.53 23.24 -31.90
N LYS A 246 7.98 22.02 -32.00
CA LYS A 246 7.45 21.59 -33.29
C LYS A 246 6.14 22.30 -33.64
N GLY A 247 5.44 22.84 -32.63
CA GLY A 247 4.27 23.65 -32.86
C GLY A 247 2.92 22.98 -32.64
N SER A 248 2.91 21.85 -31.94
CA SER A 248 1.66 21.14 -31.66
C SER A 248 0.76 21.95 -30.73
N LEU A 249 1.36 22.79 -29.88
CA LEU A 249 0.60 23.63 -28.95
C LEU A 249 0.76 25.12 -29.27
N LYS A 250 -0.34 25.74 -29.66
CA LYS A 250 -0.43 27.19 -29.78
C LYS A 250 -1.22 27.80 -28.63
N LYS A 251 -1.29 29.13 -28.63
CA LYS A 251 -2.06 29.88 -27.64
C LYS A 251 -3.49 29.35 -27.49
N GLU A 252 -4.07 28.92 -28.61
CA GLU A 252 -5.45 28.43 -28.67
C GLU A 252 -5.74 27.30 -27.68
N HIS A 253 -4.72 26.52 -27.33
CA HIS A 253 -4.91 25.38 -26.43
C HIS A 253 -4.82 25.75 -24.96
N PHE A 254 -4.67 27.04 -24.67
CA PHE A 254 -4.59 27.53 -23.30
C PHE A 254 -5.70 28.52 -22.98
N ARG A 255 -6.10 28.55 -21.71
CA ARG A 255 -7.12 29.49 -21.22
C ARG A 255 -6.67 30.16 -19.92
N GLU A 256 -7.03 31.43 -19.78
CA GLU A 256 -6.83 32.20 -18.54
C GLU A 256 -8.06 32.34 -17.66
N ASP A 257 -7.91 32.06 -16.36
CA ASP A 257 -8.94 32.41 -15.39
C ASP A 257 -8.31 33.25 -14.28
N LEU A 258 -9.12 33.65 -13.30
CA LEU A 258 -8.69 34.47 -12.17
C LEU A 258 -7.55 33.87 -11.35
N ASN A 259 -7.52 32.53 -11.26
CA ASN A 259 -6.51 31.86 -10.47
C ASN A 259 -5.23 31.66 -11.27
N GLY A 260 -5.34 31.08 -12.46
CA GLY A 260 -4.16 30.78 -13.25
C GLY A 260 -4.39 30.54 -14.74
N VAL A 261 -3.40 29.90 -15.35
CA VAL A 261 -3.43 29.52 -16.75
C VAL A 261 -3.59 28.01 -16.83
N LEU A 262 -4.40 27.52 -17.77
CA LEU A 262 -4.54 26.07 -17.93
C LEU A 262 -4.73 25.63 -19.37
N LEU A 263 -4.47 24.35 -19.62
CA LEU A 263 -4.73 23.72 -20.90
C LEU A 263 -6.22 23.59 -21.16
N THR A 264 -6.63 23.74 -22.40
CA THR A 264 -7.99 23.37 -22.79
C THR A 264 -8.09 21.86 -22.78
N GLU A 265 -9.27 21.34 -23.02
CA GLU A 265 -9.50 19.90 -23.03
C GLU A 265 -8.73 19.31 -24.21
N GLU A 266 -8.73 20.07 -25.30
CA GLU A 266 -7.99 19.72 -26.51
C GLU A 266 -6.50 19.64 -26.21
N GLY A 267 -5.99 20.68 -25.54
CA GLY A 267 -4.59 20.72 -25.16
C GLY A 267 -4.22 19.53 -24.30
N MET A 268 -5.06 19.23 -23.32
CA MET A 268 -4.83 18.10 -22.43
C MET A 268 -4.76 16.79 -23.20
N LYS A 269 -5.68 16.62 -24.15
CA LYS A 269 -5.65 15.39 -24.96
C LYS A 269 -4.39 15.31 -25.84
N ILE A 270 -4.01 16.43 -26.46
CA ILE A 270 -2.79 16.49 -27.26
C ILE A 270 -1.58 16.10 -26.42
N VAL A 271 -1.45 16.74 -25.26
CA VAL A 271 -0.32 16.51 -24.37
C VAL A 271 -0.34 15.08 -23.84
N THR A 272 -1.54 14.57 -23.56
CA THR A 272 -1.68 13.19 -23.07
C THR A 272 -1.16 12.20 -24.11
N LYS A 273 -1.55 12.38 -25.36
CA LYS A 273 -1.10 11.48 -26.41
C LYS A 273 0.40 11.59 -26.62
N ALA A 274 0.93 12.82 -26.66
CA ALA A 274 2.37 12.99 -26.83
C ALA A 274 3.15 12.31 -25.69
N TYR A 275 2.67 12.49 -24.46
CA TYR A 275 3.32 11.87 -23.31
C TYR A 275 3.31 10.35 -23.43
N ASN A 276 2.14 9.79 -23.74
CA ASN A 276 2.04 8.35 -23.96
C ASN A 276 2.93 7.90 -25.12
N GLU A 277 3.03 8.74 -26.14
CA GLU A 277 3.85 8.43 -27.30
C GLU A 277 5.33 8.40 -26.96
N GLU A 278 5.75 9.27 -26.05
CA GLU A 278 7.12 9.21 -25.54
C GLU A 278 7.30 8.01 -24.60
N LEU A 279 6.29 7.71 -23.78
CA LEU A 279 6.39 6.56 -22.89
C LEU A 279 6.60 5.24 -23.63
N GLN A 280 6.20 5.15 -24.90
CA GLN A 280 6.38 3.91 -25.69
C GLN A 280 7.48 4.01 -26.74
N LYS A 281 8.12 5.18 -26.80
CA LYS A 281 9.23 5.42 -27.72
C LYS A 281 10.44 4.63 -27.22
N SER A 282 11.07 3.85 -28.09
CA SER A 282 12.10 2.93 -27.62
C SER A 282 13.51 3.45 -27.84
N VAL A 283 14.45 2.95 -27.04
CA VAL A 283 15.82 3.42 -27.05
C VAL A 283 16.78 2.46 -27.72
N LYS A 284 17.95 2.98 -28.09
CA LYS A 284 19.05 2.15 -28.59
C LYS A 284 20.36 2.54 -27.91
N HIS A 285 20.77 1.74 -26.92
CA HIS A 285 22.11 1.87 -26.36
C HIS A 285 23.06 1.51 -27.50
N PRO A 286 23.77 2.51 -28.07
CA PRO A 286 24.43 2.30 -29.37
C PRO A 286 25.33 1.07 -29.49
N LYS A 287 25.59 0.37 -28.39
CA LYS A 287 26.49 -0.79 -28.40
C LYS A 287 25.82 -2.08 -27.92
N ILE A 288 25.01 -2.03 -26.88
CA ILE A 288 24.27 -3.22 -26.48
C ILE A 288 23.19 -3.49 -27.53
N GLY A 289 22.73 -2.42 -28.17
CA GLY A 289 21.75 -2.52 -29.23
C GLY A 289 20.42 -3.04 -28.75
N VAL A 292 14.25 -0.01 -25.90
CA VAL A 292 13.63 -0.38 -24.65
C VAL A 292 12.70 0.77 -24.27
N THR A 293 11.51 0.53 -23.68
CA THR A 293 10.50 1.55 -23.63
C THR A 293 10.88 2.55 -22.54
N ARG A 294 10.47 3.83 -22.64
CA ARG A 294 10.81 4.81 -21.59
C ARG A 294 10.28 4.35 -20.23
N GLN A 295 9.18 3.62 -20.28
CA GLN A 295 8.49 3.06 -19.13
C GLN A 295 9.29 1.88 -18.56
N ARG A 296 9.83 1.10 -19.48
CA ARG A 296 10.67 -0.03 -19.10
C ARG A 296 11.82 0.52 -18.28
N LEU A 297 12.44 1.60 -18.75
CA LEU A 297 13.53 2.24 -18.04
C LEU A 297 13.16 2.56 -16.59
N ILE A 298 11.94 3.04 -16.38
CA ILE A 298 11.46 3.34 -15.04
C ILE A 298 11.49 2.08 -14.20
N ARG A 299 10.90 1.01 -14.74
CA ARG A 299 10.89 -0.24 -13.98
C ARG A 299 12.32 -0.78 -13.80
N LEU A 300 13.18 -0.54 -14.78
CA LEU A 300 14.57 -0.97 -14.69
C LEU A 300 15.30 -0.20 -13.61
N GLU A 301 14.98 1.08 -13.47
CA GLU A 301 15.53 1.90 -12.38
C GLU A 301 15.11 1.28 -11.05
N ALA A 302 13.84 0.88 -10.96
CA ALA A 302 13.38 0.22 -9.75
C ALA A 302 14.15 -1.08 -9.48
N TYR A 303 14.39 -1.88 -10.52
CA TYR A 303 15.15 -3.11 -10.35
C TYR A 303 16.61 -2.84 -9.96
N LYS A 304 17.22 -1.82 -10.55
CA LYS A 304 18.56 -1.40 -10.18
C LYS A 304 18.61 -1.09 -8.67
N LEU A 305 17.62 -0.31 -8.24
CA LEU A 305 17.50 0.02 -6.83
C LEU A 305 17.39 -1.23 -5.97
N ILE A 306 16.54 -2.18 -6.38
CA ILE A 306 16.40 -3.41 -5.61
C ILE A 306 17.71 -4.20 -5.57
N LYS A 307 18.43 -4.27 -6.69
CA LYS A 307 19.73 -4.96 -6.68
C LYS A 307 20.70 -4.27 -5.74
N HIS A 308 20.65 -2.95 -5.66
CA HIS A 308 21.45 -2.23 -4.66
C HIS A 308 21.05 -2.61 -3.25
N LEU A 309 19.75 -2.61 -2.96
CA LEU A 309 19.30 -2.86 -1.59
C LEU A 309 19.65 -4.24 -1.02
N VAL A 310 19.95 -5.20 -1.88
CA VAL A 310 20.36 -6.53 -1.41
C VAL A 310 21.86 -6.72 -1.57
N GLY A 311 22.56 -5.61 -1.80
CA GLY A 311 24.01 -5.58 -1.84
C GLY A 311 24.63 -6.22 -3.07
N VAL A 312 23.83 -6.43 -4.11
CA VAL A 312 24.30 -7.10 -5.31
C VAL A 312 25.04 -6.14 -6.24
N GLU A 313 24.37 -5.06 -6.65
CA GLU A 313 24.97 -4.08 -7.53
C GLU A 313 24.79 -2.69 -6.94
N GLU A 314 25.89 -1.98 -6.74
CA GLU A 314 25.82 -0.59 -6.29
C GLU A 314 24.96 0.21 -7.25
N TYR A 315 24.21 1.16 -6.73
CA TYR A 315 23.23 1.87 -7.54
C TYR A 315 23.86 3.06 -8.25
N LYS A 316 23.92 2.96 -9.57
CA LYS A 316 24.29 4.08 -10.43
C LYS A 316 23.01 4.65 -11.03
N PRO A 317 22.80 5.97 -10.89
CA PRO A 317 21.56 6.49 -11.47
C PRO A 317 21.59 6.48 -12.99
N LEU A 318 20.43 6.29 -13.61
CA LEU A 318 20.32 6.31 -15.06
C LEU A 318 20.75 7.65 -15.62
N VAL A 319 21.55 7.61 -16.69
CA VAL A 319 21.90 8.81 -17.43
C VAL A 319 21.74 8.55 -18.93
N LYS B 4 -11.64 10.03 17.04
CA LYS B 4 -11.36 8.89 16.18
C LYS B 4 -11.89 9.14 14.75
N PRO B 5 -11.40 8.36 13.77
CA PRO B 5 -11.76 8.59 12.36
C PRO B 5 -13.20 8.23 12.00
N LEU B 6 -13.63 8.70 10.83
CA LEU B 6 -14.97 8.44 10.33
C LEU B 6 -15.08 7.07 9.70
N THR B 7 -16.11 6.35 10.09
CA THR B 7 -16.38 5.01 9.57
C THR B 7 -17.82 4.94 9.07
N ILE B 8 -18.00 4.38 7.88
CA ILE B 8 -19.29 4.34 7.22
C ILE B 8 -19.70 2.90 6.92
N PHE B 9 -20.68 2.42 7.67
CA PHE B 9 -21.24 1.08 7.49
C PHE B 9 -22.45 1.10 6.55
N SER B 10 -23.15 2.22 6.51
CA SER B 10 -24.36 2.35 5.69
C SER B 10 -24.02 2.46 4.20
N ASP B 11 -25.02 2.19 3.35
CA ASP B 11 -24.88 2.35 1.91
C ASP B 11 -25.38 3.72 1.46
N GLY B 12 -24.73 4.29 0.46
CA GLY B 12 -25.12 5.60 -0.04
C GLY B 12 -24.09 6.17 -1.00
N THR B 13 -24.07 7.48 -1.11
CA THR B 13 -23.18 8.17 -2.03
C THR B 13 -22.57 9.41 -1.38
N LEU B 14 -21.25 9.49 -1.41
CA LEU B 14 -20.55 10.67 -0.91
C LEU B 14 -20.55 11.74 -2.00
N THR B 15 -21.00 12.95 -1.66
CA THR B 15 -21.06 14.02 -2.64
C THR B 15 -20.59 15.35 -2.09
N ARG B 16 -20.32 16.27 -3.01
CA ARG B 16 -20.06 17.66 -2.69
C ARG B 16 -21.26 18.39 -3.23
N ARG B 17 -22.12 18.94 -2.40
CA ARG B 17 -23.20 19.70 -2.95
C ARG B 17 -22.44 20.84 -3.53
N GLU B 18 -22.05 21.72 -2.67
CA GLU B 18 -21.22 22.79 -3.18
C GLU B 18 -20.43 23.34 -1.99
N ASN B 19 -19.16 22.95 -1.94
CA ASN B 19 -18.31 23.14 -0.76
C ASN B 19 -19.03 22.75 0.52
N THR B 20 -19.13 21.44 0.71
CA THR B 20 -19.55 20.81 1.95
C THR B 20 -19.67 19.35 1.56
N LEU B 21 -19.41 18.45 2.51
CA LEU B 21 -19.44 17.03 2.20
C LEU B 21 -20.72 16.39 2.70
N TYR B 22 -21.38 15.66 1.82
CA TYR B 22 -22.68 15.06 2.11
C TYR B 22 -22.68 13.56 1.87
N PHE B 23 -23.60 12.89 2.57
CA PHE B 23 -23.89 11.49 2.37
C PHE B 23 -25.35 11.36 1.96
N GLU B 24 -25.56 10.88 0.73
CA GLU B 24 -26.88 10.84 0.11
C GLU B 24 -27.55 9.49 0.28
N SER B 25 -28.87 9.54 0.54
CA SER B 25 -29.76 8.39 0.75
C SER B 25 -29.71 7.99 2.23
N GLY B 28 -32.50 11.65 1.15
CA GLY B 28 -31.85 11.88 2.42
C GLY B 28 -30.44 12.43 2.28
N ARG B 29 -30.29 13.72 2.55
CA ARG B 29 -29.01 14.42 2.49
C ARG B 29 -28.54 14.74 3.90
N LYS B 30 -27.45 14.11 4.32
CA LYS B 30 -26.87 14.41 5.63
C LYS B 30 -25.44 14.96 5.47
N PRO B 31 -25.17 16.15 6.04
CA PRO B 31 -23.84 16.77 5.94
C PRO B 31 -22.83 16.12 6.89
N LEU B 32 -21.55 16.29 6.63
CA LEU B 32 -20.50 15.66 7.41
C LEU B 32 -19.49 16.66 7.98
N ALA B 33 -19.27 16.60 9.30
CA ALA B 33 -18.25 17.42 9.94
C ALA B 33 -16.91 16.71 9.97
N ILE B 34 -16.03 17.07 9.03
CA ILE B 34 -14.74 16.42 8.86
C ILE B 34 -13.56 17.19 9.46
N GLU B 35 -13.82 18.31 10.12
CA GLU B 35 -12.75 19.17 10.61
C GLU B 35 -11.69 18.46 11.46
N GLY B 36 -12.11 17.58 12.35
CA GLY B 36 -11.19 16.85 13.20
C GLY B 36 -10.78 15.51 12.61
N ILE B 37 -11.20 15.24 11.38
CA ILE B 37 -11.01 13.93 10.75
C ILE B 37 -9.85 13.90 9.77
N TYR B 38 -9.10 12.80 9.85
CA TYR B 38 -7.85 12.62 9.12
C TYR B 38 -7.94 11.41 8.18
N ASP B 39 -8.55 10.32 8.64
CA ASP B 39 -8.85 9.20 7.75
C ASP B 39 -10.32 8.79 7.78
N ILE B 40 -10.77 8.22 6.66
CA ILE B 40 -12.13 7.71 6.49
C ILE B 40 -12.07 6.21 6.24
N TYR B 41 -13.07 5.49 6.75
CA TYR B 41 -13.15 4.04 6.59
C TYR B 41 -14.52 3.64 6.05
N ILE B 42 -14.51 2.96 4.91
CA ILE B 42 -15.74 2.57 4.23
C ILE B 42 -15.94 1.07 4.27
N TYR B 43 -16.90 0.64 5.09
CA TYR B 43 -17.30 -0.75 5.15
C TYR B 43 -18.60 -0.99 4.38
N GLY B 44 -19.37 0.08 4.19
CA GLY B 44 -20.61 0.01 3.43
C GLY B 44 -20.39 0.00 1.93
N HIS B 45 -21.48 -0.12 1.18
CA HIS B 45 -21.44 0.09 -0.27
C HIS B 45 -21.58 1.57 -0.52
N VAL B 46 -20.47 2.25 -0.80
CA VAL B 46 -20.49 3.69 -0.93
C VAL B 46 -19.93 4.12 -2.27
N ASN B 47 -20.64 5.02 -2.93
CA ASN B 47 -20.19 5.63 -4.17
C ASN B 47 -19.61 6.99 -3.85
N ILE B 48 -18.57 7.38 -4.58
CA ILE B 48 -17.91 8.65 -4.35
C ILE B 48 -17.81 9.45 -5.64
N THR B 49 -18.30 10.68 -5.60
CA THR B 49 -18.24 11.57 -6.74
C THR B 49 -16.84 12.18 -6.83
N SER B 50 -16.45 12.63 -8.03
CA SER B 50 -15.16 13.28 -8.23
C SER B 50 -15.06 14.55 -7.40
N GLN B 51 -16.18 15.24 -7.25
CA GLN B 51 -16.22 16.49 -6.50
C GLN B 51 -15.92 16.20 -5.03
N ALA B 52 -16.55 15.15 -4.52
CA ALA B 52 -16.32 14.70 -3.16
C ALA B 52 -14.87 14.30 -3.00
N LEU B 53 -14.38 13.47 -3.89
CA LEU B 53 -13.03 12.94 -3.78
C LEU B 53 -11.96 14.03 -3.85
N HIS B 54 -12.17 15.04 -4.70
CA HIS B 54 -11.28 16.19 -4.72
C HIS B 54 -11.40 16.98 -3.42
N TYR B 55 -12.62 17.13 -2.91
CA TYR B 55 -12.83 17.80 -1.63
C TYR B 55 -12.05 17.08 -0.52
N ILE B 56 -12.14 15.76 -0.48
CA ILE B 56 -11.38 14.95 0.48
C ILE B 56 -9.87 15.07 0.23
N ALA B 57 -9.48 15.05 -1.04
CA ALA B 57 -8.07 15.18 -1.40
C ALA B 57 -7.51 16.51 -0.93
N GLN B 58 -8.28 17.58 -1.13
CA GLN B 58 -7.86 18.91 -0.72
C GLN B 58 -7.52 19.00 0.76
N LYS B 59 -8.26 18.27 1.58
CA LYS B 59 -8.08 18.32 3.03
C LYS B 59 -7.03 17.31 3.50
N GLY B 60 -6.42 16.62 2.55
CA GLY B 60 -5.38 15.64 2.85
C GLY B 60 -5.87 14.43 3.62
N ILE B 61 -7.15 14.09 3.45
CA ILE B 61 -7.73 12.94 4.16
C ILE B 61 -7.60 11.64 3.35
N LEU B 62 -7.18 10.57 4.03
CA LEU B 62 -7.09 9.25 3.43
C LEU B 62 -8.41 8.51 3.51
N ILE B 63 -8.77 7.79 2.44
CA ILE B 63 -9.96 6.94 2.44
C ILE B 63 -9.56 5.48 2.33
N HIS B 64 -10.02 4.66 3.27
CA HIS B 64 -9.71 3.25 3.28
C HIS B 64 -10.97 2.45 2.93
N PHE B 65 -10.85 1.47 2.03
CA PHE B 65 -12.02 0.77 1.50
C PHE B 65 -12.12 -0.69 1.90
N PHE B 66 -13.33 -1.12 2.28
CA PHE B 66 -13.55 -2.48 2.78
C PHE B 66 -14.89 -3.07 2.32
N ASN B 67 -14.90 -4.36 2.00
CA ASN B 67 -16.15 -5.10 1.84
C ASN B 67 -16.94 -5.19 3.16
N HIS B 68 -18.21 -5.59 3.08
CA HIS B 68 -19.00 -5.78 4.30
C HIS B 68 -18.49 -6.96 5.12
N TYR B 69 -17.78 -7.88 4.49
CA TYR B 69 -17.14 -8.99 5.21
C TYR B 69 -15.65 -8.80 5.41
N GLY B 70 -15.18 -7.56 5.24
CA GLY B 70 -13.83 -7.20 5.61
C GLY B 70 -12.72 -7.44 4.60
N TYR B 71 -13.09 -7.61 3.33
CA TYR B 71 -12.10 -7.66 2.27
C TYR B 71 -11.51 -6.27 2.03
N TYR B 72 -10.21 -6.14 2.24
CA TYR B 72 -9.54 -4.87 2.04
C TYR B 72 -9.42 -4.62 0.55
N ASP B 73 -9.90 -3.47 0.08
CA ASP B 73 -9.89 -3.16 -1.34
C ASP B 73 -8.69 -2.30 -1.70
N GLY B 74 -8.48 -1.24 -0.93
CA GLY B 74 -7.45 -0.28 -1.24
C GLY B 74 -7.61 0.99 -0.45
N THR B 75 -6.68 1.91 -0.67
CA THR B 75 -6.68 3.19 0.01
C THR B 75 -6.51 4.29 -1.02
N PHE B 76 -7.23 5.39 -0.82
CA PHE B 76 -7.02 6.59 -1.59
C PHE B 76 -5.99 7.46 -0.87
N TYR B 77 -4.85 7.70 -1.53
CA TYR B 77 -3.78 8.48 -0.95
C TYR B 77 -3.80 9.85 -1.61
N PRO B 78 -4.25 10.87 -0.86
CA PRO B 78 -4.27 12.16 -1.54
C PRO B 78 -2.88 12.75 -1.64
N ARG B 79 -2.76 13.66 -2.56
CA ARG B 79 -1.55 14.41 -2.80
C ARG B 79 -1.19 15.28 -1.65
N GLU B 80 -2.18 15.89 -1.08
CA GLU B 80 -1.97 16.77 0.06
C GLU B 80 -1.57 15.90 1.22
N THR B 81 -0.37 16.16 1.75
CA THR B 81 0.15 15.33 2.84
C THR B 81 0.11 16.02 4.19
N LEU B 82 -0.48 15.35 5.17
CA LEU B 82 -0.49 15.87 6.53
C LEU B 82 0.80 15.38 7.18
N LEU B 83 1.35 16.12 8.12
CA LEU B 83 2.62 15.71 8.71
C LEU B 83 2.46 14.39 9.43
N SER B 84 3.31 13.43 9.05
CA SER B 84 3.33 12.13 9.68
C SER B 84 4.73 11.54 9.64
N GLY B 85 4.82 10.24 9.86
CA GLY B 85 6.08 9.51 9.84
C GLY B 85 5.75 8.10 9.41
N ASP B 86 6.76 7.36 8.96
CA ASP B 86 6.52 6.01 8.44
C ASP B 86 6.68 4.94 9.55
N LEU B 87 5.54 4.45 10.03
CA LEU B 87 5.49 3.41 11.06
C LEU B 87 6.27 2.15 10.66
N ILE B 88 6.20 1.84 9.37
CA ILE B 88 6.89 0.70 8.78
C ILE B 88 8.39 0.70 9.14
N ILE B 89 8.99 1.88 9.18
CA ILE B 89 10.42 1.98 9.46
C ILE B 89 10.70 1.55 10.91
N ARG B 90 9.80 1.90 11.83
CA ARG B 90 9.94 1.48 13.21
C ARG B 90 9.73 -0.04 13.30
N GLN B 91 8.71 -0.51 12.58
CA GLN B 91 8.48 -1.95 12.46
C GLN B 91 9.76 -2.67 12.06
N ALA B 92 10.38 -2.18 11.00
CA ALA B 92 11.60 -2.79 10.47
C ALA B 92 12.77 -2.59 11.43
N GLU B 93 12.76 -1.47 12.15
CA GLU B 93 13.81 -1.19 13.13
C GLU B 93 13.78 -2.21 14.26
N HIS B 94 12.58 -2.61 14.69
CA HIS B 94 12.48 -3.61 15.75
C HIS B 94 12.77 -5.03 15.27
N TYR B 95 12.77 -5.26 13.96
CA TYR B 95 13.25 -6.53 13.41
C TYR B 95 14.78 -6.52 13.29
N LEU B 96 15.30 -5.45 12.70
CA LEU B 96 16.74 -5.33 12.46
C LEU B 96 17.54 -5.39 13.74
N ASN B 97 17.01 -4.78 14.80
CA ASN B 97 17.63 -4.88 16.12
C ASN B 97 17.25 -6.20 16.76
N LYS B 98 18.26 -7.01 17.05
CA LYS B 98 18.05 -8.40 17.47
C LYS B 98 17.36 -8.49 18.83
N GLU B 99 17.79 -7.67 19.77
CA GLU B 99 17.22 -7.66 21.12
C GLU B 99 15.74 -7.29 21.08
N LYS B 100 15.45 -6.27 20.29
CA LYS B 100 14.09 -5.79 20.11
C LYS B 100 13.24 -6.89 19.49
N ARG B 101 13.78 -7.57 18.47
CA ARG B 101 13.06 -8.66 17.82
C ARG B 101 12.80 -9.79 18.80
N LEU B 102 13.82 -10.14 19.58
CA LEU B 102 13.73 -11.21 20.56
C LEU B 102 12.62 -10.95 21.57
N PHE B 103 12.53 -9.72 22.07
CA PHE B 103 11.49 -9.39 23.04
C PHE B 103 10.07 -9.66 22.51
N LEU B 104 9.79 -9.17 21.31
CA LEU B 104 8.48 -9.34 20.68
C LEU B 104 8.22 -10.83 20.39
N ALA B 105 9.20 -11.46 19.73
CA ALA B 105 9.13 -12.88 19.42
C ALA B 105 8.79 -13.69 20.65
N LYS B 106 9.42 -13.35 21.78
CA LYS B 106 9.12 -14.02 23.04
C LYS B 106 7.71 -13.68 23.54
N SER B 107 7.32 -12.42 23.40
CA SER B 107 5.99 -11.98 23.83
C SER B 107 4.87 -12.77 23.17
N PHE B 108 4.96 -12.96 21.85
CA PHE B 108 3.92 -13.69 21.13
C PHE B 108 3.75 -15.12 21.65
N VAL B 109 4.86 -15.80 21.90
CA VAL B 109 4.82 -17.19 22.35
C VAL B 109 4.31 -17.25 23.78
N THR B 110 4.76 -16.31 24.61
CA THR B 110 4.25 -16.20 25.97
C THR B 110 2.72 -16.08 25.96
N GLY B 111 2.22 -15.12 25.18
CA GLY B 111 0.79 -14.91 25.05
C GLY B 111 0.05 -16.16 24.63
N GLY B 112 0.55 -16.81 23.57
CA GLY B 112 -0.06 -18.03 23.10
C GLY B 112 -0.10 -19.12 24.16
N THR B 113 1.02 -19.32 24.85
CA THR B 113 1.11 -20.33 25.90
C THR B 113 0.10 -20.07 27.01
N LYS B 114 0.00 -18.82 27.44
CA LYS B 114 -0.92 -18.50 28.53
C LYS B 114 -2.37 -18.65 28.12
N ASN B 115 -2.75 -18.15 26.94
CA ASN B 115 -4.12 -18.34 26.48
C ASN B 115 -4.46 -19.82 26.30
N MET B 116 -3.48 -20.60 25.84
CA MET B 116 -3.65 -22.03 25.74
C MET B 116 -3.93 -22.65 27.11
N GLU B 117 -3.13 -22.27 28.11
CA GLU B 117 -3.33 -22.79 29.45
C GLU B 117 -4.66 -22.32 30.04
N ARG B 118 -5.10 -21.11 29.69
CA ARG B 118 -6.44 -20.68 30.12
C ARG B 118 -7.52 -21.56 29.47
N ASN B 119 -7.33 -21.89 28.19
CA ASN B 119 -8.24 -22.84 27.55
C ASN B 119 -8.29 -24.15 28.32
N LEU B 120 -7.13 -24.73 28.62
CA LEU B 120 -7.11 -26.00 29.34
C LEU B 120 -7.73 -25.86 30.74
N LYS B 121 -7.46 -24.74 31.41
CA LYS B 121 -8.08 -24.49 32.71
C LYS B 121 -9.60 -24.42 32.61
N ASN B 122 -10.10 -23.77 31.57
CA ASN B 122 -11.54 -23.63 31.37
C ASN B 122 -12.24 -24.95 31.03
N TRP B 123 -11.56 -25.83 30.32
CA TRP B 123 -12.12 -27.14 29.97
C TRP B 123 -11.82 -28.18 31.05
N GLY B 124 -11.27 -27.73 32.16
CA GLY B 124 -10.99 -28.61 33.29
C GLY B 124 -9.93 -29.65 33.01
N ILE B 125 -8.89 -29.27 32.28
CA ILE B 125 -7.74 -30.13 32.04
C ILE B 125 -6.52 -29.59 32.76
N LYS B 126 -5.96 -30.42 33.65
CA LYS B 126 -4.76 -30.08 34.39
C LYS B 126 -3.57 -30.03 33.45
N ALA B 127 -2.92 -28.87 33.36
CA ALA B 127 -1.92 -28.61 32.34
C ALA B 127 -0.56 -28.18 32.90
N LYS B 128 -0.51 -26.94 33.40
CA LYS B 128 0.75 -26.28 33.74
C LYS B 128 1.70 -26.22 32.55
N LEU B 129 1.26 -25.54 31.48
CA LEU B 129 2.12 -25.26 30.34
C LEU B 129 3.16 -24.20 30.69
N SER B 130 2.86 -23.39 31.69
CA SER B 130 3.75 -22.34 32.17
C SER B 130 5.17 -22.86 32.44
N ASP B 131 5.27 -24.13 32.82
CA ASP B 131 6.56 -24.79 33.04
C ASP B 131 7.56 -24.51 31.92
N TYR B 132 7.06 -24.47 30.68
CA TYR B 132 7.90 -24.28 29.51
C TYR B 132 8.42 -22.85 29.31
N LEU B 133 7.80 -21.88 29.98
CA LEU B 133 8.15 -20.48 29.75
C LEU B 133 9.59 -20.16 30.13
N ASP B 134 10.14 -20.93 31.09
CA ASP B 134 11.52 -20.73 31.52
C ASP B 134 12.52 -20.98 30.39
N GLU B 135 12.26 -22.02 29.61
CA GLU B 135 13.03 -22.28 28.38
C GLU B 135 13.02 -21.02 27.53
N LEU B 136 11.81 -20.51 27.31
CA LEU B 136 11.54 -19.40 26.42
C LEU B 136 12.38 -18.16 26.68
N ASN B 137 12.38 -17.70 27.93
CA ASN B 137 12.88 -16.38 28.25
C ASN B 137 14.41 -16.30 28.27
N ASP B 138 15.07 -17.45 28.34
CA ASP B 138 16.53 -17.51 28.33
C ASP B 138 17.11 -17.82 26.95
N ALA B 139 16.24 -18.09 25.98
CA ALA B 139 16.67 -18.45 24.63
C ALA B 139 17.20 -17.23 23.86
N ARG B 140 18.23 -17.42 23.04
CA ARG B 140 18.87 -16.32 22.33
C ARG B 140 18.67 -16.31 20.81
N LYS B 141 18.16 -17.41 20.24
CA LYS B 141 17.90 -17.48 18.80
C LYS B 141 16.42 -17.79 18.55
N ILE B 142 15.90 -17.31 17.43
CA ILE B 142 14.47 -17.39 17.13
C ILE B 142 14.00 -18.82 16.83
N THR B 143 14.85 -19.58 16.13
CA THR B 143 14.54 -20.96 15.81
C THR B 143 14.25 -21.77 17.07
N GLU B 144 15.07 -21.54 18.09
CA GLU B 144 14.94 -22.26 19.35
C GLU B 144 13.63 -21.88 20.05
N ILE B 145 13.29 -20.60 19.96
CA ILE B 145 12.02 -20.08 20.48
C ILE B 145 10.87 -20.79 19.78
N MET B 146 10.94 -20.86 18.46
CA MET B 146 9.91 -21.52 17.68
C MET B 146 9.81 -23.00 18.04
N ASN B 147 10.95 -23.65 18.22
CA ASN B 147 10.96 -25.07 18.61
C ASN B 147 10.27 -25.28 19.96
N VAL B 148 10.50 -24.38 20.90
CA VAL B 148 9.81 -24.46 22.18
C VAL B 148 8.32 -24.24 22.00
N GLU B 149 7.95 -23.20 21.24
CA GLU B 149 6.54 -22.93 20.98
C GLU B 149 5.87 -24.15 20.35
N ALA B 150 6.62 -24.85 19.49
CA ALA B 150 6.14 -26.07 18.86
C ALA B 150 5.88 -27.14 19.91
N ARG B 151 6.84 -27.32 20.82
CA ARG B 151 6.66 -28.30 21.90
C ARG B 151 5.41 -28.01 22.72
N ILE B 152 5.26 -26.74 23.10
CA ILE B 152 4.11 -26.28 23.87
C ILE B 152 2.80 -26.57 23.14
N ARG B 153 2.76 -26.20 21.86
CA ARG B 153 1.59 -26.46 21.03
C ARG B 153 1.27 -27.96 20.99
N GLN B 154 2.31 -28.76 20.79
CA GLN B 154 2.17 -30.21 20.71
C GLN B 154 1.55 -30.80 21.98
N GLU B 155 2.02 -30.32 23.14
CA GLU B 155 1.49 -30.84 24.39
C GLU B 155 0.06 -30.35 24.62
N TYR B 156 -0.18 -29.07 24.32
CA TYR B 156 -1.52 -28.51 24.43
C TYR B 156 -2.53 -29.32 23.62
N TYR B 157 -2.21 -29.60 22.37
CA TYR B 157 -3.03 -30.52 21.58
C TYR B 157 -3.18 -31.87 22.29
N ALA B 158 -2.06 -32.43 22.75
CA ALA B 158 -2.11 -33.75 23.35
C ALA B 158 -2.93 -33.81 24.65
N LYS B 159 -3.04 -32.69 25.36
CA LYS B 159 -3.95 -32.62 26.51
C LYS B 159 -5.37 -32.22 26.11
N TRP B 160 -5.50 -31.49 25.00
CA TRP B 160 -6.83 -31.19 24.48
C TRP B 160 -7.51 -32.50 24.05
N ASP B 161 -6.72 -33.45 23.57
CA ASP B 161 -7.26 -34.74 23.17
C ASP B 161 -7.95 -35.50 24.30
N GLU B 162 -7.54 -35.24 25.54
CA GLU B 162 -8.18 -35.87 26.69
C GLU B 162 -9.65 -35.51 26.77
N ASN B 163 -9.99 -34.33 26.27
CA ASN B 163 -11.35 -33.81 26.37
C ASN B 163 -12.17 -34.04 25.10
N LEU B 164 -11.62 -34.82 24.17
CA LEU B 164 -12.23 -35.04 22.85
C LEU B 164 -12.57 -36.51 22.57
N PRO B 165 -13.65 -36.77 21.80
CA PRO B 165 -13.93 -38.14 21.36
C PRO B 165 -12.95 -38.59 20.28
N GLU B 166 -12.74 -39.89 20.15
CA GLU B 166 -11.70 -40.43 19.27
C GLU B 166 -11.82 -39.94 17.83
N GLU B 167 -13.05 -39.75 17.36
CA GLU B 167 -13.29 -39.30 16.00
C GLU B 167 -12.63 -37.95 15.72
N PHE B 168 -12.79 -37.03 16.68
CA PHE B 168 -12.29 -35.67 16.53
C PHE B 168 -10.99 -35.42 17.32
N LYS B 169 -10.31 -36.49 17.70
CA LYS B 169 -9.00 -36.34 18.35
C LYS B 169 -7.93 -35.90 17.37
N ILE B 170 -7.12 -34.93 17.80
CA ILE B 170 -5.83 -34.67 17.17
C ILE B 170 -4.92 -35.82 17.60
N VAL B 171 -3.94 -36.19 16.77
CA VAL B 171 -2.89 -37.09 17.25
C VAL B 171 -1.56 -36.41 16.96
N LYS B 172 -1.30 -36.15 15.69
CA LYS B 172 -0.30 -35.17 15.29
C LYS B 172 -1.03 -33.99 14.66
N ARG B 173 -0.51 -32.78 14.83
CA ARG B 173 -0.98 -31.69 14.01
C ARG B 173 -0.52 -32.00 12.60
N THR B 174 -1.46 -32.02 11.68
CA THR B 174 -1.15 -32.27 10.30
C THR B 174 -1.74 -31.19 9.43
N ARG B 175 -0.99 -30.73 8.43
CA ARG B 175 -1.36 -29.54 7.70
C ARG B 175 -1.21 -29.54 6.22
N ARG B 176 -0.27 -30.27 5.68
CA ARG B 176 -0.14 -30.29 4.24
C ARG B 176 -0.01 -31.67 3.62
N PRO B 177 -1.12 -32.36 3.51
CA PRO B 177 -2.36 -31.82 4.08
C PRO B 177 -2.87 -32.58 5.26
N PRO B 178 -4.13 -32.15 5.71
CA PRO B 178 -4.54 -32.78 6.97
C PRO B 178 -5.05 -34.19 6.87
N LYS B 179 -4.85 -34.88 7.96
CA LYS B 179 -5.11 -36.33 8.03
C LYS B 179 -6.30 -36.68 8.90
N ASN B 180 -7.04 -35.66 9.33
CA ASN B 180 -8.00 -35.83 10.39
C ASN B 180 -9.16 -34.86 10.22
N GLU B 181 -10.32 -35.20 10.78
CA GLU B 181 -11.45 -34.29 10.76
C GLU B 181 -11.13 -33.07 11.62
N MET B 182 -10.45 -33.31 12.74
CA MET B 182 -10.11 -32.23 13.65
C MET B 182 -9.02 -31.34 13.07
N ASN B 183 -8.02 -31.95 12.45
CA ASN B 183 -6.97 -31.19 11.78
C ASN B 183 -7.57 -30.34 10.65
N ALA B 184 -8.52 -30.93 9.93
CA ALA B 184 -9.24 -30.22 8.88
C ALA B 184 -9.95 -29.01 9.47
N LEU B 185 -10.66 -29.24 10.58
CA LEU B 185 -11.40 -28.18 11.25
C LEU B 185 -10.46 -27.05 11.68
N ILE B 186 -9.40 -27.42 12.40
CA ILE B 186 -8.47 -26.42 12.93
C ILE B 186 -7.77 -25.66 11.81
N SER B 187 -7.40 -26.36 10.75
CA SER B 187 -6.80 -25.70 9.59
C SER B 187 -7.75 -24.67 8.99
N PHE B 188 -9.00 -25.08 8.79
CA PHE B 188 -10.00 -24.18 8.22
C PHE B 188 -10.20 -22.94 9.10
N LEU B 189 -10.40 -23.17 10.40
CA LEU B 189 -10.61 -22.06 11.31
C LEU B 189 -9.38 -21.15 11.37
N ASN B 190 -8.19 -21.76 11.35
CA ASN B 190 -6.95 -20.99 11.35
C ASN B 190 -6.84 -20.10 10.12
N SER B 191 -7.24 -20.62 8.96
CA SER B 191 -7.21 -19.80 7.74
C SER B 191 -8.22 -18.64 7.82
N ARG B 192 -9.42 -18.93 8.32
CA ARG B 192 -10.41 -17.86 8.52
C ARG B 192 -9.80 -16.78 9.43
N LEU B 193 -9.22 -17.22 10.54
CA LEU B 193 -8.60 -16.30 11.51
C LEU B 193 -7.48 -15.48 10.87
N TYR B 194 -6.71 -16.15 10.01
CA TYR B 194 -5.63 -15.51 9.27
C TYR B 194 -6.18 -14.32 8.49
N ALA B 195 -7.25 -14.56 7.74
CA ALA B 195 -7.88 -13.48 6.97
C ALA B 195 -8.43 -12.38 7.88
N THR B 196 -9.08 -12.77 8.97
CA THR B 196 -9.61 -11.78 9.92
C THR B 196 -8.52 -10.85 10.46
N ILE B 197 -7.40 -11.43 10.88
CA ILE B 197 -6.32 -10.62 11.43
C ILE B 197 -5.70 -9.75 10.35
N ILE B 198 -5.59 -10.27 9.13
CA ILE B 198 -5.11 -9.42 8.03
C ILE B 198 -6.04 -8.22 7.83
N THR B 199 -7.35 -8.47 7.90
CA THR B 199 -8.32 -7.38 7.76
C THR B 199 -8.11 -6.34 8.86
N GLU B 200 -8.04 -6.78 10.11
CA GLU B 200 -7.85 -5.84 11.20
C GLU B 200 -6.51 -5.11 11.13
N ILE B 201 -5.48 -5.78 10.62
CA ILE B 201 -4.20 -5.11 10.42
C ILE B 201 -4.29 -4.01 9.38
N TYR B 202 -4.97 -4.28 8.26
CA TYR B 202 -5.14 -3.24 7.24
C TYR B 202 -5.89 -2.01 7.76
N ASN B 203 -6.63 -2.15 8.85
CA ASN B 203 -7.29 -1.00 9.47
C ASN B 203 -6.34 -0.20 10.36
N THR B 204 -5.07 -0.60 10.35
CA THR B 204 -4.01 0.14 11.02
C THR B 204 -3.00 0.54 9.96
N GLN B 205 -1.92 1.18 10.37
CA GLN B 205 -0.86 1.56 9.44
C GLN B 205 0.29 0.55 9.44
N LEU B 206 0.16 -0.51 10.24
CA LEU B 206 1.17 -1.56 10.27
C LEU B 206 1.30 -2.25 8.91
N ALA B 207 2.53 -2.46 8.47
CA ALA B 207 2.77 -3.29 7.28
C ALA B 207 2.63 -4.76 7.68
N PRO B 208 1.77 -5.50 6.98
CA PRO B 208 1.45 -6.87 7.41
C PRO B 208 2.56 -7.90 7.16
N THR B 209 3.54 -7.57 6.35
CA THR B 209 4.61 -8.52 6.02
C THR B 209 5.71 -8.62 7.09
N ILE B 210 5.89 -7.56 7.87
CA ILE B 210 6.97 -7.54 8.86
C ILE B 210 6.54 -8.24 10.14
N SER B 211 7.19 -9.36 10.44
CA SER B 211 6.95 -10.09 11.69
C SER B 211 8.25 -10.24 12.47
N TYR B 212 8.12 -10.82 13.67
CA TYR B 212 9.24 -10.96 14.59
C TYR B 212 9.47 -12.43 14.96
N LEU B 213 8.41 -13.07 15.45
CA LEU B 213 8.48 -14.51 15.74
C LEU B 213 8.71 -15.27 14.44
N HIS B 214 7.82 -15.08 13.47
CA HIS B 214 7.96 -15.68 12.16
C HIS B 214 8.85 -14.84 11.25
N GLU B 215 9.42 -15.48 10.24
CA GLU B 215 10.28 -14.83 9.27
C GLU B 215 9.46 -14.01 8.28
N PRO B 216 9.88 -12.77 7.99
CA PRO B 216 9.21 -12.01 6.94
C PRO B 216 9.20 -12.75 5.60
N SER B 217 10.30 -13.40 5.35
CA SER B 217 10.77 -13.87 4.05
C SER B 217 10.04 -15.06 3.52
N GLU B 218 8.79 -15.17 3.90
CA GLU B 218 7.86 -15.97 3.17
C GLU B 218 7.09 -15.02 2.23
N ARG B 219 6.99 -13.76 2.66
CA ARG B 219 6.50 -12.69 1.82
C ARG B 219 4.99 -12.75 1.78
N ARG B 220 4.36 -13.00 2.92
CA ARG B 220 2.93 -13.12 2.89
C ARG B 220 2.34 -13.06 4.22
N PHE B 221 2.05 -11.85 4.62
CA PHE B 221 1.38 -11.54 5.88
C PHE B 221 1.92 -12.33 7.07
N SER B 222 3.21 -12.17 7.37
CA SER B 222 3.84 -12.96 8.42
C SER B 222 3.40 -12.49 9.80
N LEU B 223 3.03 -11.22 9.89
CA LEU B 223 2.62 -10.62 11.16
C LEU B 223 1.34 -11.25 11.68
N SER B 224 0.47 -11.60 10.74
CA SER B 224 -0.79 -12.26 11.05
C SER B 224 -0.51 -13.57 11.76
N LEU B 225 0.55 -14.25 11.33
CA LEU B 225 0.99 -15.47 12.00
C LEU B 225 1.45 -15.18 13.42
N ASP B 226 2.15 -14.07 13.62
CA ASP B 226 2.57 -13.66 14.95
C ASP B 226 1.36 -13.46 15.87
N LEU B 227 0.37 -12.68 15.42
CA LEU B 227 -0.81 -12.43 16.25
C LEU B 227 -1.73 -13.65 16.39
N SER B 228 -1.66 -14.55 15.41
CA SER B 228 -2.46 -15.77 15.47
C SER B 228 -1.99 -16.67 16.62
N GLU B 229 -0.74 -16.48 17.08
CA GLU B 229 -0.27 -17.22 18.25
C GLU B 229 -1.17 -16.96 19.44
N ILE B 230 -1.53 -15.70 19.62
CA ILE B 230 -2.40 -15.29 20.70
C ILE B 230 -3.84 -15.67 20.41
N PHE B 231 -4.32 -15.32 19.21
CA PHE B 231 -5.75 -15.47 18.95
C PHE B 231 -6.23 -16.85 18.47
N LYS B 232 -5.32 -17.74 18.08
CA LYS B 232 -5.72 -19.13 17.82
C LYS B 232 -6.39 -19.75 19.06
N PRO B 233 -5.69 -19.69 20.21
CA PRO B 233 -6.29 -20.14 21.49
C PRO B 233 -7.62 -19.48 21.85
N ILE B 234 -7.68 -18.16 21.70
CA ILE B 234 -8.84 -17.40 22.16
C ILE B 234 -10.09 -17.67 21.32
N ILE B 235 -9.92 -17.74 20.01
CA ILE B 235 -11.06 -17.80 19.10
C ILE B 235 -11.21 -19.18 18.44
N ALA B 236 -10.23 -19.52 17.61
CA ALA B 236 -10.32 -20.69 16.75
C ALA B 236 -10.52 -21.99 17.52
N ASP B 237 -9.66 -22.21 18.52
CA ASP B 237 -9.72 -23.44 19.30
C ASP B 237 -11.05 -23.55 20.04
N ARG B 238 -11.50 -22.43 20.60
CA ARG B 238 -12.76 -22.41 21.32
C ARG B 238 -13.91 -22.79 20.39
N VAL B 239 -13.95 -22.17 19.21
CA VAL B 239 -14.99 -22.46 18.23
C VAL B 239 -14.96 -23.94 17.86
N ALA B 240 -13.77 -24.47 17.59
CA ALA B 240 -13.61 -25.88 17.24
C ALA B 240 -14.16 -26.78 18.35
N ASN B 241 -13.76 -26.48 19.59
CA ASN B 241 -14.17 -27.27 20.75
C ASN B 241 -15.69 -27.31 20.88
N ARG B 242 -16.31 -26.14 20.83
CA ARG B 242 -17.77 -26.08 20.95
C ARG B 242 -18.46 -26.77 19.79
N LEU B 243 -17.95 -26.59 18.58
CA LEU B 243 -18.54 -27.25 17.41
C LEU B 243 -18.50 -28.76 17.53
N VAL B 244 -17.36 -29.32 17.91
CA VAL B 244 -17.30 -30.77 17.95
C VAL B 244 -18.09 -31.34 19.12
N LYS B 245 -18.05 -30.72 20.30
CA LYS B 245 -18.76 -31.33 21.43
C LYS B 245 -20.27 -31.01 21.49
N LYS B 246 -20.70 -29.81 21.10
CA LYS B 246 -22.14 -29.53 21.06
C LYS B 246 -22.80 -30.38 19.98
N GLY B 247 -22.01 -30.84 19.01
CA GLY B 247 -22.47 -31.81 18.03
C GLY B 247 -22.87 -31.23 16.69
N SER B 248 -22.48 -29.99 16.44
CA SER B 248 -22.83 -29.33 15.18
C SER B 248 -22.15 -29.97 13.98
N LEU B 249 -20.99 -30.59 14.22
CA LEU B 249 -20.24 -31.28 13.18
C LEU B 249 -20.14 -32.78 13.46
N LYS B 250 -20.77 -33.59 12.62
CA LYS B 250 -20.55 -35.03 12.65
C LYS B 250 -19.74 -35.46 11.44
N LYS B 251 -19.45 -36.75 11.36
CA LYS B 251 -18.69 -37.34 10.25
C LYS B 251 -19.21 -36.92 8.87
N GLU B 252 -20.53 -36.77 8.77
CA GLU B 252 -21.18 -36.42 7.51
C GLU B 252 -20.64 -35.13 6.87
N HIS B 253 -20.13 -34.21 7.68
CA HIS B 253 -19.65 -32.93 7.18
C HIS B 253 -18.20 -32.98 6.70
N PHE B 254 -17.60 -34.16 6.74
CA PHE B 254 -16.22 -34.33 6.31
C PHE B 254 -16.12 -35.32 5.16
N ARG B 255 -15.10 -35.12 4.33
CA ARG B 255 -14.84 -36.00 3.21
C ARG B 255 -13.36 -36.37 3.15
N GLU B 256 -13.12 -37.59 2.69
CA GLU B 256 -11.77 -38.04 2.41
C GLU B 256 -11.58 -37.74 0.94
N ASP B 257 -10.44 -37.16 0.61
CA ASP B 257 -10.12 -36.78 -0.76
C ASP B 257 -8.96 -37.62 -1.23
N LEU B 258 -8.51 -37.39 -2.45
CA LEU B 258 -7.45 -38.19 -3.02
C LEU B 258 -6.24 -38.19 -2.09
N ASN B 259 -5.92 -37.05 -1.48
CA ASN B 259 -4.82 -36.99 -0.52
C ASN B 259 -5.22 -36.97 0.96
N GLY B 260 -6.08 -36.03 1.33
CA GLY B 260 -6.37 -35.78 2.74
C GLY B 260 -7.82 -35.60 3.09
N VAL B 261 -8.07 -35.00 4.25
CA VAL B 261 -9.42 -34.83 4.78
C VAL B 261 -9.88 -33.39 4.69
N LEU B 262 -11.14 -33.17 4.32
CA LEU B 262 -11.67 -31.79 4.28
C LEU B 262 -13.14 -31.66 4.62
N LEU B 263 -13.53 -30.43 4.98
CA LEU B 263 -14.92 -30.08 5.21
C LEU B 263 -15.73 -30.04 3.92
N THR B 264 -16.98 -30.49 3.99
CA THR B 264 -17.91 -30.28 2.89
C THR B 264 -18.29 -28.80 2.86
N GLU B 265 -19.07 -28.40 1.86
CA GLU B 265 -19.51 -27.02 1.75
C GLU B 265 -20.45 -26.70 2.92
N GLU B 266 -21.25 -27.68 3.29
CA GLU B 266 -22.15 -27.59 4.43
C GLU B 266 -21.32 -27.36 5.69
N GLY B 267 -20.30 -28.18 5.86
CA GLY B 267 -19.41 -28.05 7.00
C GLY B 267 -18.75 -26.69 7.04
N MET B 268 -18.23 -26.25 5.90
CA MET B 268 -17.56 -24.96 5.82
C MET B 268 -18.51 -23.83 6.19
N LYS B 269 -19.76 -23.91 5.72
CA LYS B 269 -20.74 -22.89 6.07
C LYS B 269 -21.08 -22.92 7.56
N ILE B 270 -21.25 -24.11 8.12
CA ILE B 270 -21.52 -24.24 9.56
C ILE B 270 -20.40 -23.61 10.39
N VAL B 271 -19.18 -24.00 10.06
CA VAL B 271 -18.00 -23.53 10.78
C VAL B 271 -17.84 -22.02 10.59
N THR B 272 -18.12 -21.55 9.39
CA THR B 272 -18.03 -20.11 9.09
C THR B 272 -19.00 -19.32 9.95
N LYS B 273 -20.24 -19.79 10.06
CA LYS B 273 -21.24 -19.07 10.86
C LYS B 273 -20.82 -19.08 12.33
N ALA B 274 -20.40 -20.24 12.85
CA ALA B 274 -19.98 -20.30 14.26
C ALA B 274 -18.82 -19.35 14.53
N TYR B 275 -17.84 -19.35 13.63
CA TYR B 275 -16.69 -18.46 13.78
C TYR B 275 -17.08 -16.98 13.75
N ASN B 276 -17.90 -16.60 12.78
CA ASN B 276 -18.38 -15.23 12.69
C ASN B 276 -19.16 -14.81 13.92
N GLU B 277 -19.96 -15.74 14.45
CA GLU B 277 -20.72 -15.45 15.66
C GLU B 277 -19.80 -15.36 16.88
N GLU B 278 -18.70 -16.10 16.89
CA GLU B 278 -17.70 -15.96 17.95
C GLU B 278 -17.02 -14.59 17.87
N LEU B 279 -16.72 -14.12 16.66
CA LEU B 279 -16.09 -12.80 16.50
C LEU B 279 -16.89 -11.62 17.05
N GLN B 280 -18.21 -11.76 17.19
CA GLN B 280 -19.04 -10.67 17.71
C GLN B 280 -19.49 -10.92 19.14
N LYS B 281 -19.09 -12.05 19.70
CA LYS B 281 -19.38 -12.35 21.09
C LYS B 281 -18.50 -11.48 21.99
N SER B 282 -19.11 -10.80 22.95
CA SER B 282 -18.41 -9.84 23.79
C SER B 282 -18.13 -10.40 25.17
N VAL B 283 -17.22 -9.76 25.89
CA VAL B 283 -16.78 -10.25 27.19
C VAL B 283 -17.53 -9.51 28.30
N VAL B 292 -16.90 -5.39 24.74
CA VAL B 292 -15.74 -5.49 23.85
C VAL B 292 -15.69 -6.87 23.19
N THR B 293 -15.98 -6.90 21.90
CA THR B 293 -16.06 -8.15 21.14
C THR B 293 -14.70 -8.75 20.81
N ARG B 294 -14.69 -10.05 20.51
CA ARG B 294 -13.48 -10.76 20.16
C ARG B 294 -12.72 -10.09 19.02
N GLN B 295 -13.46 -9.47 18.09
CA GLN B 295 -12.84 -8.82 16.95
C GLN B 295 -12.14 -7.52 17.35
N ARG B 296 -12.76 -6.78 18.26
CA ARG B 296 -12.17 -5.55 18.80
C ARG B 296 -10.80 -5.83 19.44
N LEU B 297 -10.76 -6.90 20.24
CA LEU B 297 -9.54 -7.33 20.91
C LEU B 297 -8.34 -7.42 19.96
N ILE B 298 -8.57 -7.95 18.76
CA ILE B 298 -7.52 -8.09 17.76
C ILE B 298 -6.93 -6.71 17.42
N ARG B 299 -7.81 -5.76 17.13
CA ARG B 299 -7.38 -4.42 16.78
C ARG B 299 -6.71 -3.75 17.98
N LEU B 300 -7.20 -4.07 19.17
CA LEU B 300 -6.58 -3.54 20.39
C LEU B 300 -5.16 -4.10 20.54
N GLU B 301 -4.99 -5.37 20.19
CA GLU B 301 -3.66 -5.98 20.17
C GLU B 301 -2.75 -5.23 19.20
N ALA B 302 -3.31 -4.93 18.02
CA ALA B 302 -2.56 -4.17 17.02
C ALA B 302 -2.17 -2.78 17.56
N TYR B 303 -3.09 -2.11 18.24
CA TYR B 303 -2.78 -0.80 18.80
C TYR B 303 -1.73 -0.90 19.90
N LYS B 304 -1.81 -1.94 20.72
CA LYS B 304 -0.79 -2.20 21.74
C LYS B 304 0.59 -2.31 21.08
N LEU B 305 0.64 -3.12 20.03
CA LEU B 305 1.88 -3.29 19.28
C LEU B 305 2.41 -1.96 18.74
N ILE B 306 1.53 -1.15 18.15
CA ILE B 306 1.96 0.14 17.62
C ILE B 306 2.48 1.04 18.74
N LYS B 307 1.80 1.09 19.89
CA LYS B 307 2.29 1.90 21.00
C LYS B 307 3.66 1.41 21.46
N HIS B 308 3.88 0.10 21.42
CA HIS B 308 5.21 -0.43 21.68
C HIS B 308 6.23 0.07 20.66
N LEU B 309 5.88 -0.01 19.38
CA LEU B 309 6.86 0.34 18.34
C LEU B 309 7.33 1.80 18.33
N VAL B 310 6.56 2.70 18.95
CA VAL B 310 6.97 4.11 19.03
C VAL B 310 7.47 4.49 20.43
N GLY B 311 7.75 3.49 21.25
CA GLY B 311 8.37 3.70 22.54
C GLY B 311 7.48 4.32 23.60
N VAL B 312 6.16 4.21 23.41
CA VAL B 312 5.19 4.77 24.36
C VAL B 312 4.90 3.76 25.48
N GLU B 313 4.41 2.58 25.11
CA GLU B 313 4.06 1.53 26.07
C GLU B 313 4.67 0.19 25.69
N GLU B 314 5.44 -0.39 26.60
CA GLU B 314 5.99 -1.73 26.39
C GLU B 314 4.86 -2.72 26.11
N TYR B 315 5.12 -3.69 25.24
CA TYR B 315 4.07 -4.59 24.77
C TYR B 315 3.90 -5.79 25.69
N LYS B 316 2.75 -5.85 26.34
CA LYS B 316 2.33 -7.03 27.10
C LYS B 316 1.28 -7.77 26.28
N PRO B 317 1.48 -9.08 26.05
CA PRO B 317 0.49 -9.79 25.24
C PRO B 317 -0.85 -9.98 25.95
N LEU B 318 -1.93 -9.99 25.18
CA LEU B 318 -3.26 -10.25 25.70
C LEU B 318 -3.34 -11.63 26.35
N VAL B 319 -4.00 -11.69 27.51
CA VAL B 319 -4.30 -12.96 28.16
C VAL B 319 -5.78 -13.00 28.55
N ALA B 320 -6.54 -13.84 27.84
CA ALA B 320 -7.98 -13.88 27.97
C ALA B 320 -8.42 -14.22 29.40
N TRP B 321 -9.41 -13.50 29.89
CA TRP B 321 -9.92 -13.66 31.24
C TRP B 321 -11.30 -14.30 31.28
N PHE B 322 -11.75 -14.81 30.13
CA PHE B 322 -13.11 -15.31 30.00
C PHE B 322 -13.12 -16.75 29.46
CL CL C . 19.03 16.07 7.93
CL CL D . -1.12 -24.94 14.15
#